data_3JQ0
#
_entry.id   3JQ0
#
_cell.length_a   75.804
_cell.length_b   75.804
_cell.length_c   323.966
_cell.angle_alpha   90.000
_cell.angle_beta   90.000
_cell.angle_gamma   120.000
#
_symmetry.space_group_name_H-M   'P 65 2 2'
#
loop_
_entity.id
_entity.type
_entity.pdbx_description
1 polymer 'SusD superfamily protein'
2 non-polymer 2-AMINO-2-HYDROXYMETHYL-PROPANE-1,3-DIOL
3 non-polymer GLYCEROL
4 non-polymer 'SULFATE ION'
5 non-polymer 'CHLORIDE ION'
6 water water
#
_entity_poly.entity_id   1
_entity_poly.type   'polypeptide(L)'
_entity_poly.pdbx_seq_one_letter_code
;GGTAYWKNPDQFTAFNTGLHALLREKSYNFFLLGEPRADIYGDNPIGGEASQG(MSE)ERLPFNTINKENVGISNYGD
(MSE)YKIINQINQ(MSE)IAKTTETTILTEATQNYYLGEAYG(MSE)RAYLYFHLLRSWGDVVLYLDYTEGQNLDLSNI
TKGVSPATEV(MSE)EQIKKDIQASENAFGSDYSFKLGRHFWSAAATQ(MSE)LKGEAYLWSGRQ(MSE)NGGNSDYTIA
KNAFENVKKADVGLVTSSFKDIFSFENKKNKE(MSE)IFTIHNGKDEYE(MSE)WGGYYR(MSE)RLIPAQDK(MSE)VK
IYCDENGNSFVGTPDAQLNGLTQLQVRREFYFKGFRNNDTRWTTSLKAVYKKDAQGVVSYFGPITYKFQGT(MSE)LEGG
STRSFLDDFPIYRYADCLLQLA(MSE)AKVLLGEDPTEEINAVRERAYGSKYFNEHKAEIAYPNDNDPEFYTDNKW
(MSE)KPDNAGALEAILKERLREF(MSE)FEGKRWYDIRLLGWDYVHQYSSAEQSRLLWPIDAGTLTNNSALKQTPGYE
;
_entity_poly.pdbx_strand_id   A
#
# COMPACT_ATOMS: atom_id res chain seq x y z
N TRP A 6 -13.32 -7.54 -31.62
CA TRP A 6 -13.92 -6.30 -31.04
C TRP A 6 -15.19 -5.84 -31.79
N LYS A 7 -16.02 -6.81 -32.20
CA LYS A 7 -17.33 -6.52 -32.79
C LYS A 7 -18.49 -6.55 -31.77
N ASN A 8 -18.26 -7.12 -30.59
CA ASN A 8 -19.29 -7.34 -29.57
C ASN A 8 -18.90 -6.57 -28.31
N PRO A 9 -19.86 -5.87 -27.68
CA PRO A 9 -19.54 -5.18 -26.43
C PRO A 9 -18.99 -6.12 -25.35
N ASP A 10 -19.39 -7.39 -25.34
CA ASP A 10 -18.87 -8.34 -24.36
C ASP A 10 -17.35 -8.54 -24.47
N GLN A 11 -16.77 -8.34 -25.64
CA GLN A 11 -15.32 -8.46 -25.83
CA GLN A 11 -15.33 -8.47 -25.83
C GLN A 11 -14.59 -7.31 -25.11
N PHE A 12 -15.18 -6.10 -25.15
CA PHE A 12 -14.64 -5.01 -24.32
C PHE A 12 -14.73 -5.30 -22.82
N THR A 13 -15.87 -5.84 -22.37
CA THR A 13 -16.05 -6.19 -20.97
C THR A 13 -14.96 -7.19 -20.56
N ALA A 14 -14.76 -8.23 -21.38
CA ALA A 14 -13.82 -9.29 -21.08
C ALA A 14 -12.40 -8.72 -21.05
N PHE A 15 -12.05 -7.88 -22.01
CA PHE A 15 -10.68 -7.34 -22.06
C PHE A 15 -10.40 -6.44 -20.84
N ASN A 16 -11.38 -5.62 -20.50
CA ASN A 16 -11.26 -4.76 -19.33
C ASN A 16 -11.09 -5.59 -18.04
N THR A 17 -11.87 -6.67 -17.95
CA THR A 17 -11.79 -7.56 -16.83
C THR A 17 -10.36 -8.17 -16.79
N GLY A 18 -9.85 -8.54 -17.95
CA GLY A 18 -8.49 -9.05 -18.03
C GLY A 18 -7.43 -8.04 -17.60
N LEU A 19 -7.60 -6.78 -17.94
CA LEU A 19 -6.63 -5.74 -17.50
C LEU A 19 -6.61 -5.70 -15.98
N HIS A 20 -7.78 -5.71 -15.37
CA HIS A 20 -7.88 -5.68 -13.93
C HIS A 20 -7.27 -6.94 -13.28
N ALA A 21 -7.42 -8.09 -13.93
CA ALA A 21 -6.78 -9.31 -13.46
C ALA A 21 -5.27 -9.23 -13.58
N LEU A 22 -4.75 -8.60 -14.64
CA LEU A 22 -3.31 -8.38 -14.74
C LEU A 22 -2.79 -7.49 -13.62
N LEU A 23 -3.55 -6.47 -13.28
CA LEU A 23 -3.15 -5.58 -12.19
C LEU A 23 -3.13 -6.36 -10.88
N ARG A 24 -4.15 -7.21 -10.67
CA ARG A 24 -4.22 -8.01 -9.48
C ARG A 24 -2.99 -8.91 -9.29
N GLU A 25 -2.46 -9.44 -10.39
CA GLU A 25 -1.26 -10.26 -10.27
C GLU A 25 -0.08 -9.50 -9.72
N LYS A 26 -0.06 -8.18 -9.85
CA LYS A 26 1.01 -7.32 -9.34
C LYS A 26 0.81 -6.81 -7.92
N SER A 27 -0.26 -7.26 -7.27
CA SER A 27 -0.55 -6.85 -5.88
C SER A 27 0.66 -6.99 -4.98
N TYR A 28 1.26 -8.18 -5.02
CA TYR A 28 2.42 -8.45 -4.20
C TYR A 28 3.56 -7.47 -4.52
N ASN A 29 3.85 -7.29 -5.82
CA ASN A 29 4.88 -6.31 -6.19
C ASN A 29 4.56 -4.91 -5.71
N PHE A 30 3.30 -4.49 -5.72
CA PHE A 30 2.97 -3.15 -5.20
C PHE A 30 3.31 -3.06 -3.72
N PHE A 31 3.02 -4.11 -2.95
CA PHE A 31 3.44 -4.19 -1.57
C PHE A 31 4.95 -4.04 -1.43
N LEU A 32 5.69 -4.85 -2.19
CA LEU A 32 7.13 -4.85 -2.08
C LEU A 32 7.75 -3.51 -2.43
N LEU A 33 7.21 -2.85 -3.44
CA LEU A 33 7.74 -1.57 -3.85
C LEU A 33 7.43 -0.50 -2.83
N GLY A 34 6.30 -0.60 -2.14
CA GLY A 34 5.85 0.49 -1.30
C GLY A 34 6.13 0.41 0.17
N GLU A 35 6.62 -0.75 0.68
CA GLU A 35 6.72 -0.94 2.13
C GLU A 35 8.04 -1.50 2.68
N PRO A 36 8.49 -2.71 2.29
CA PRO A 36 9.55 -3.36 3.07
C PRO A 36 10.95 -2.78 3.04
N ARG A 37 11.26 -1.81 2.18
CA ARG A 37 12.55 -1.14 2.29
C ARG A 37 12.66 -0.15 3.45
N ALA A 38 11.55 0.13 4.14
CA ALA A 38 11.55 1.06 5.28
C ALA A 38 11.86 0.29 6.56
N ASP A 39 11.21 0.64 7.67
CA ASP A 39 11.69 0.30 9.00
C ASP A 39 10.83 -0.74 9.74
N ILE A 40 9.79 -1.30 9.10
CA ILE A 40 8.91 -2.24 9.79
C ILE A 40 9.59 -3.60 10.04
N TYR A 41 10.33 -4.07 9.05
CA TYR A 41 10.90 -5.40 9.05
C TYR A 41 12.39 -5.39 9.29
N GLY A 42 13.02 -6.56 9.30
CA GLY A 42 14.46 -6.68 9.39
C GLY A 42 14.94 -7.66 10.44
N ASP A 43 14.07 -8.07 11.38
CA ASP A 43 14.45 -9.15 12.28
C ASP A 43 14.43 -10.48 11.52
N ASN A 44 15.15 -11.47 12.04
CA ASN A 44 15.03 -12.81 11.52
C ASN A 44 13.63 -13.34 11.79
N PRO A 45 13.02 -14.07 10.87
CA PRO A 45 11.74 -14.73 11.16
C PRO A 45 11.78 -15.47 12.51
N ILE A 46 10.84 -15.17 13.38
CA ILE A 46 10.87 -15.74 14.69
C ILE A 46 10.73 -17.27 14.69
N GLY A 47 10.03 -17.79 13.69
CA GLY A 47 9.85 -19.22 13.54
C GLY A 47 11.03 -19.95 12.96
N GLY A 48 12.12 -19.25 12.67
CA GLY A 48 13.34 -19.90 12.22
C GLY A 48 13.55 -20.02 10.73
N GLU A 49 12.58 -19.54 9.94
CA GLU A 49 12.71 -19.60 8.49
C GLU A 49 13.92 -18.85 7.99
N ALA A 50 14.56 -19.39 6.97
CA ALA A 50 15.48 -18.63 6.16
C ALA A 50 14.67 -17.56 5.43
N SER A 51 15.20 -16.32 5.36
CA SER A 51 14.50 -15.25 4.64
C SER A 51 14.76 -15.24 3.15
N GLN A 52 15.73 -16.01 2.67
CA GLN A 52 15.88 -16.30 1.26
C GLN A 52 15.93 -15.08 0.39
N GLY A 53 16.65 -14.06 0.86
CA GLY A 53 16.89 -12.84 0.11
C GLY A 53 15.87 -11.77 0.39
N GLU A 55 15.44 -10.33 3.07
CA GLU A 55 16.08 -9.40 3.98
C GLU A 55 16.77 -8.26 3.23
N ARG A 56 17.08 -8.44 1.95
CA ARG A 56 17.74 -7.36 1.24
CA ARG A 56 17.72 -7.39 1.17
C ARG A 56 16.87 -6.13 1.09
N LEU A 57 15.55 -6.28 1.28
CA LEU A 57 14.66 -5.11 1.31
C LEU A 57 14.85 -4.30 2.60
N PRO A 58 14.58 -4.85 3.79
CA PRO A 58 14.80 -4.00 4.98
C PRO A 58 16.27 -3.59 5.16
N PHE A 59 17.23 -4.41 4.73
CA PHE A 59 18.64 -4.04 4.85
C PHE A 59 19.11 -3.13 3.74
N ASN A 60 18.27 -2.89 2.74
CA ASN A 60 18.64 -2.05 1.62
C ASN A 60 19.98 -2.49 1.02
N THR A 61 20.06 -3.79 0.76
CA THR A 61 21.23 -4.40 0.17
C THR A 61 20.93 -5.00 -1.20
N ILE A 62 19.80 -4.66 -1.79
CA ILE A 62 19.55 -4.94 -3.22
C ILE A 62 20.64 -4.28 -4.05
N ASN A 63 21.00 -4.93 -5.15
CA ASN A 63 22.11 -4.44 -5.99
C ASN A 63 22.00 -5.10 -7.33
N LYS A 64 22.95 -4.83 -8.20
CA LYS A 64 22.79 -5.31 -9.58
CA LYS A 64 22.87 -5.32 -9.59
C LYS A 64 22.80 -6.83 -9.72
N GLU A 65 23.29 -7.54 -8.71
CA GLU A 65 23.24 -9.00 -8.71
C GLU A 65 22.03 -9.59 -8.00
N ASN A 66 21.39 -8.83 -7.14
CA ASN A 66 20.27 -9.25 -6.30
C ASN A 66 19.27 -8.11 -6.27
N VAL A 67 18.42 -8.05 -7.27
CA VAL A 67 17.66 -6.84 -7.55
C VAL A 67 16.39 -6.64 -6.77
N GLY A 68 15.94 -7.68 -6.08
CA GLY A 68 14.65 -7.63 -5.34
C GLY A 68 13.49 -7.97 -6.25
N ILE A 69 13.27 -7.14 -7.28
CA ILE A 69 12.23 -7.36 -8.28
C ILE A 69 12.86 -7.12 -9.65
N SER A 70 12.79 -8.14 -10.51
CA SER A 70 13.29 -8.09 -11.88
CA SER A 70 13.32 -8.04 -11.85
C SER A 70 12.32 -7.45 -12.85
N ASN A 71 12.88 -6.98 -13.97
CA ASN A 71 12.10 -6.61 -15.16
C ASN A 71 10.96 -5.68 -14.88
N TYR A 72 11.22 -4.65 -14.10
CA TYR A 72 10.22 -3.61 -13.84
C TYR A 72 8.93 -4.20 -13.26
N GLY A 73 9.06 -5.24 -12.47
CA GLY A 73 7.89 -5.87 -11.87
C GLY A 73 6.93 -6.49 -12.86
N ASP A 74 7.39 -6.79 -14.08
CA ASP A 74 6.59 -7.30 -15.14
CA ASP A 74 6.57 -7.31 -15.18
C ASP A 74 5.45 -6.35 -15.54
N TYR A 76 5.44 -3.87 -17.87
CA TYR A 76 5.33 -3.45 -19.26
C TYR A 76 4.37 -4.30 -20.09
N LYS A 77 4.25 -5.59 -19.79
CA LYS A 77 3.30 -6.37 -20.62
CA LYS A 77 3.31 -6.41 -20.56
C LYS A 77 1.86 -6.01 -20.22
N ILE A 78 1.63 -5.48 -18.98
CA ILE A 78 0.31 -4.92 -18.65
C ILE A 78 0.06 -3.64 -19.41
N ILE A 79 1.06 -2.78 -19.40
CA ILE A 79 0.99 -1.51 -20.13
C ILE A 79 0.65 -1.76 -21.60
N ASN A 80 1.31 -2.76 -22.21
CA ASN A 80 1.02 -3.11 -23.61
CA ASN A 80 1.04 -3.11 -23.59
C ASN A 80 -0.45 -3.39 -23.81
N GLN A 81 -1.03 -4.22 -22.93
CA GLN A 81 -2.45 -4.52 -23.06
C GLN A 81 -3.35 -3.30 -22.83
N ILE A 82 -3.02 -2.46 -21.85
CA ILE A 82 -3.78 -1.24 -21.61
C ILE A 82 -3.75 -0.39 -22.89
N ASN A 83 -2.57 -0.25 -23.48
CA ASN A 83 -2.43 0.54 -24.70
C ASN A 83 -3.34 0.05 -25.83
N GLN A 84 -3.45 -1.26 -25.96
CA GLN A 84 -4.42 -1.86 -26.87
C GLN A 84 -5.87 -1.49 -26.53
N ILE A 86 -6.91 1.12 -24.95
CA ILE A 86 -7.11 2.54 -25.26
C ILE A 86 -7.40 2.72 -26.77
N ALA A 87 -6.58 2.11 -27.58
CA ALA A 87 -6.77 2.26 -29.04
C ALA A 87 -8.10 1.70 -29.51
N LYS A 88 -8.43 0.47 -29.11
CA LYS A 88 -9.67 -0.16 -29.55
C LYS A 88 -10.92 0.54 -29.05
N THR A 89 -10.87 1.03 -27.81
CA THR A 89 -12.01 1.72 -27.22
C THR A 89 -12.18 3.11 -27.86
N THR A 90 -11.07 3.78 -28.14
CA THR A 90 -11.15 5.12 -28.78
C THR A 90 -11.77 4.98 -30.18
N GLU A 91 -11.39 3.91 -30.89
CA GLU A 91 -11.81 3.76 -32.30
CA GLU A 91 -11.80 3.67 -32.31
C GLU A 91 -13.23 3.16 -32.45
N THR A 92 -13.72 2.42 -31.47
CA THR A 92 -14.97 1.69 -31.63
C THR A 92 -16.18 2.59 -31.76
N THR A 93 -17.16 2.07 -32.50
CA THR A 93 -18.49 2.69 -32.65
C THR A 93 -19.61 1.84 -32.03
N ILE A 94 -19.26 0.74 -31.36
CA ILE A 94 -20.24 -0.24 -30.90
C ILE A 94 -20.72 -0.02 -29.46
N LEU A 95 -20.07 0.91 -28.73
CA LEU A 95 -20.44 1.20 -27.34
C LEU A 95 -21.23 2.50 -27.16
N THR A 96 -22.03 2.56 -26.10
CA THR A 96 -22.62 3.85 -25.70
C THR A 96 -21.46 4.79 -25.35
N GLU A 97 -21.67 6.08 -25.55
CA GLU A 97 -20.75 7.09 -25.09
C GLU A 97 -20.33 6.89 -23.63
N ALA A 98 -21.30 6.66 -22.72
CA ALA A 98 -20.97 6.50 -21.29
C ALA A 98 -20.09 5.28 -21.05
N THR A 99 -20.34 4.20 -21.78
CA THR A 99 -19.55 2.97 -21.62
C THR A 99 -18.14 3.15 -22.14
N GLN A 100 -18.03 3.71 -23.33
CA GLN A 100 -16.77 4.03 -23.97
C GLN A 100 -15.92 4.93 -23.04
N ASN A 101 -16.52 6.00 -22.56
CA ASN A 101 -15.81 6.94 -21.67
C ASN A 101 -15.35 6.26 -20.39
N TYR A 102 -16.19 5.42 -19.81
CA TYR A 102 -15.83 4.77 -18.57
C TYR A 102 -14.59 3.90 -18.77
N TYR A 103 -14.58 3.11 -19.85
CA TYR A 103 -13.42 2.28 -20.13
C TYR A 103 -12.16 3.13 -20.35
N LEU A 104 -12.26 4.25 -21.04
CA LEU A 104 -11.11 5.11 -21.26
C LEU A 104 -10.66 5.71 -19.92
N GLY A 105 -11.61 6.10 -19.06
CA GLY A 105 -11.23 6.63 -17.76
C GLY A 105 -10.41 5.59 -17.01
N GLU A 106 -10.85 4.34 -17.07
CA GLU A 106 -10.14 3.27 -16.41
C GLU A 106 -8.78 2.97 -17.02
N ALA A 107 -8.69 2.92 -18.34
CA ALA A 107 -7.48 2.53 -19.00
C ALA A 107 -6.38 3.60 -18.85
N TYR A 108 -6.74 4.85 -19.11
CA TYR A 108 -5.77 5.95 -18.89
C TYR A 108 -5.33 5.97 -17.41
N GLY A 109 -6.27 5.77 -16.49
CA GLY A 109 -5.95 5.81 -15.06
C GLY A 109 -4.98 4.70 -14.68
N ARG A 111 -2.93 3.11 -16.66
CA ARG A 111 -1.63 3.34 -17.26
C ARG A 111 -0.79 4.29 -16.40
N ALA A 112 -1.40 5.40 -16.00
CA ALA A 112 -0.74 6.38 -15.12
C ALA A 112 -0.32 5.72 -13.81
N TYR A 113 -1.18 4.88 -13.25
CA TYR A 113 -0.90 4.22 -11.98
C TYR A 113 0.36 3.36 -12.05
N LEU A 114 0.50 2.58 -13.11
CA LEU A 114 1.67 1.75 -13.29
C LEU A 114 2.92 2.60 -13.52
N TYR A 115 2.82 3.60 -14.37
CA TYR A 115 3.95 4.47 -14.59
C TYR A 115 4.37 5.20 -13.33
N PHE A 116 3.45 5.49 -12.40
CA PHE A 116 3.79 6.17 -11.15
C PHE A 116 4.55 5.24 -10.19
N HIS A 117 4.21 3.94 -10.16
CA HIS A 117 5.09 2.97 -9.47
C HIS A 117 6.46 2.94 -10.11
N LEU A 118 6.51 2.92 -11.44
CA LEU A 118 7.80 2.87 -12.15
C LEU A 118 8.66 4.10 -11.86
N LEU A 119 8.03 5.29 -11.88
CA LEU A 119 8.76 6.55 -11.62
C LEU A 119 9.40 6.52 -10.23
N ARG A 120 8.62 6.15 -9.21
CA ARG A 120 9.08 6.18 -7.84
C ARG A 120 10.12 5.12 -7.54
N SER A 121 10.07 4.03 -8.32
CA SER A 121 10.90 2.85 -8.05
C SER A 121 12.15 2.80 -8.91
N TRP A 122 12.01 2.97 -10.23
CA TRP A 122 13.11 2.94 -11.20
C TRP A 122 13.54 4.30 -11.77
N GLY A 123 12.69 5.33 -11.68
CA GLY A 123 13.09 6.69 -12.09
C GLY A 123 12.85 6.90 -13.57
N ASP A 124 13.97 6.98 -14.33
CA ASP A 124 13.94 7.12 -15.78
C ASP A 124 13.56 5.76 -16.38
N VAL A 125 12.49 5.70 -17.16
CA VAL A 125 12.00 4.45 -17.71
C VAL A 125 11.51 4.69 -19.14
N VAL A 126 11.39 3.62 -19.91
CA VAL A 126 10.87 3.70 -21.26
C VAL A 126 9.40 4.09 -21.20
N LEU A 127 9.02 5.07 -22.02
CA LEU A 127 7.62 5.43 -22.19
C LEU A 127 7.08 4.65 -23.40
N TYR A 128 6.46 3.52 -23.11
CA TYR A 128 5.89 2.64 -24.09
C TYR A 128 4.39 2.95 -24.13
N LEU A 129 3.96 3.49 -25.27
CA LEU A 129 2.60 3.95 -25.44
C LEU A 129 1.91 3.25 -26.63
N ASP A 130 2.60 2.30 -27.28
CA ASP A 130 2.10 1.44 -28.41
C ASP A 130 1.61 0.09 -27.92
N TYR A 131 1.04 -0.70 -28.83
CA TYR A 131 0.69 -2.06 -28.50
C TYR A 131 1.07 -2.96 -29.64
N THR A 132 1.11 -4.25 -29.37
CA THR A 132 1.57 -5.27 -30.36
C THR A 132 0.47 -6.17 -30.94
N GLU A 133 -0.50 -6.61 -30.13
CA GLU A 133 -1.47 -7.63 -30.56
C GLU A 133 -2.40 -7.15 -31.70
N LYS A 144 13.45 3.59 -27.87
CA LYS A 144 13.96 2.28 -27.39
C LYS A 144 14.58 2.40 -25.97
N GLY A 145 15.22 3.54 -25.69
CA GLY A 145 15.77 3.89 -24.40
C GLY A 145 14.81 4.65 -23.49
N VAL A 146 15.24 4.87 -22.29
CA VAL A 146 14.44 5.50 -21.24
C VAL A 146 14.17 6.98 -21.53
N SER A 147 13.09 7.49 -20.95
CA SER A 147 12.82 8.93 -20.88
C SER A 147 13.21 9.42 -19.49
N PRO A 148 13.63 10.67 -19.40
CA PRO A 148 13.93 11.23 -18.09
C PRO A 148 12.70 11.21 -17.18
N ALA A 149 12.94 11.08 -15.87
CA ALA A 149 11.88 11.08 -14.86
C ALA A 149 10.88 12.25 -15.07
N THR A 150 11.40 13.44 -15.41
CA THR A 150 10.49 14.57 -15.68
C THR A 150 9.48 14.29 -16.80
N GLU A 151 9.94 13.67 -17.87
CA GLU A 151 9.08 13.32 -18.97
C GLU A 151 8.15 12.18 -18.60
N VAL A 152 8.62 11.23 -17.77
CA VAL A 152 7.73 10.21 -17.24
C VAL A 152 6.58 10.83 -16.47
N GLU A 154 5.46 13.92 -16.74
CA GLU A 154 4.57 14.62 -17.67
CA GLU A 154 4.60 14.61 -17.70
C GLU A 154 3.57 13.67 -18.34
N GLN A 155 4.01 12.44 -18.69
CA GLN A 155 3.11 11.47 -19.28
C GLN A 155 2.07 10.99 -18.25
N ILE A 156 2.50 10.76 -17.01
CA ILE A 156 1.57 10.40 -15.97
C ILE A 156 0.47 11.47 -15.86
N LYS A 157 0.89 12.73 -15.82
CA LYS A 157 -0.07 13.83 -15.71
C LYS A 157 -1.01 13.91 -16.92
N LYS A 158 -0.48 13.64 -18.12
CA LYS A 158 -1.30 13.64 -19.30
CA LYS A 158 -1.31 13.63 -19.31
C LYS A 158 -2.36 12.54 -19.25
N ASP A 159 -1.94 11.36 -18.79
CA ASP A 159 -2.89 10.24 -18.66
C ASP A 159 -3.91 10.50 -17.56
N ILE A 160 -3.50 11.10 -16.44
CA ILE A 160 -4.44 11.47 -15.39
C ILE A 160 -5.50 12.44 -15.97
N GLN A 161 -5.04 13.45 -16.73
CA GLN A 161 -5.97 14.39 -17.34
C GLN A 161 -6.93 13.66 -18.28
N ALA A 162 -6.40 12.78 -19.13
CA ALA A 162 -7.24 12.03 -20.05
C ALA A 162 -8.27 11.20 -19.30
N SER A 163 -7.82 10.57 -18.20
CA SER A 163 -8.70 9.72 -17.39
C SER A 163 -9.83 10.56 -16.78
N GLU A 164 -9.47 11.63 -16.09
CA GLU A 164 -10.49 12.42 -15.38
C GLU A 164 -11.45 13.05 -16.37
N ASN A 165 -10.94 13.45 -17.54
CA ASN A 165 -11.82 14.02 -18.56
C ASN A 165 -12.80 13.01 -19.12
N ALA A 166 -12.34 11.77 -19.30
CA ALA A 166 -13.22 10.68 -19.78
C ALA A 166 -14.31 10.37 -18.72
N PHE A 167 -13.95 10.26 -17.45
CA PHE A 167 -14.97 9.96 -16.43
C PHE A 167 -15.91 11.15 -16.26
N GLY A 168 -15.40 12.36 -16.36
CA GLY A 168 -16.21 13.51 -16.06
C GLY A 168 -16.71 13.52 -14.62
N SER A 169 -17.97 13.92 -14.56
N SER A 169 -17.88 14.09 -14.31
CA SER A 169 -18.70 14.01 -13.36
CA SER A 169 -18.16 14.50 -12.90
C SER A 169 -19.26 12.66 -12.90
C SER A 169 -19.00 13.58 -11.97
N ASP A 170 -18.96 11.56 -13.61
N ASP A 170 -19.54 12.51 -12.53
CA ASP A 170 -19.41 10.24 -13.17
CA ASP A 170 -20.31 11.54 -11.75
C ASP A 170 -18.38 9.63 -12.21
C ASP A 170 -19.37 10.46 -11.23
N TYR A 171 -18.66 9.83 -10.93
N TYR A 171 -19.14 10.45 -9.92
CA TYR A 171 -17.89 9.26 -9.82
CA TYR A 171 -18.14 9.53 -9.35
C TYR A 171 -18.54 8.03 -9.19
C TYR A 171 -18.71 8.15 -8.96
N SER A 172 -19.66 7.61 -9.74
CA SER A 172 -20.25 6.35 -9.39
C SER A 172 -19.19 5.26 -9.58
N PHE A 173 -19.31 4.18 -8.82
CA PHE A 173 -18.46 3.00 -9.03
C PHE A 173 -19.27 2.12 -10.00
N LYS A 174 -19.26 2.53 -11.26
CA LYS A 174 -20.09 1.89 -12.28
C LYS A 174 -19.81 0.41 -12.41
N LEU A 175 -18.54 0.02 -12.26
CA LEU A 175 -18.15 -1.37 -12.35
C LEU A 175 -17.67 -1.93 -11.00
N GLY A 176 -18.03 -1.21 -9.94
CA GLY A 176 -17.69 -1.63 -8.57
C GLY A 176 -16.37 -1.03 -8.07
N ARG A 177 -16.18 -1.14 -6.76
CA ARG A 177 -14.97 -0.59 -6.12
C ARG A 177 -13.75 -1.43 -6.41
N HIS A 178 -13.92 -2.62 -6.97
CA HIS A 178 -12.79 -3.43 -7.36
CA HIS A 178 -12.93 -3.61 -7.46
C HIS A 178 -12.37 -3.20 -8.81
N PHE A 179 -13.00 -2.23 -9.48
CA PHE A 179 -12.61 -1.76 -10.80
C PHE A 179 -12.22 -0.30 -10.66
N TRP A 180 -11.34 0.17 -11.57
CA TRP A 180 -10.90 1.53 -11.51
C TRP A 180 -12.07 2.49 -11.73
N SER A 181 -12.01 3.69 -11.15
CA SER A 181 -13.13 4.64 -11.13
C SER A 181 -12.59 6.05 -11.07
N ALA A 182 -13.49 7.03 -11.15
CA ALA A 182 -13.09 8.42 -11.09
C ALA A 182 -12.37 8.80 -9.79
N ALA A 183 -12.82 8.23 -8.67
CA ALA A 183 -12.22 8.54 -7.41
C ALA A 183 -10.82 7.92 -7.32
N ALA A 184 -10.60 6.77 -7.96
CA ALA A 184 -9.26 6.19 -8.03
C ALA A 184 -8.31 7.12 -8.78
N THR A 185 -8.77 7.67 -9.92
CA THR A 185 -7.96 8.64 -10.66
C THR A 185 -7.67 9.88 -9.79
N GLN A 186 -8.63 10.40 -9.04
CA GLN A 186 -8.36 11.55 -8.18
C GLN A 186 -7.35 11.25 -7.06
N LEU A 188 -4.89 9.00 -7.30
CA LEU A 188 -3.61 8.93 -8.00
C LEU A 188 -3.13 10.34 -8.36
N LYS A 189 -4.05 11.18 -8.80
CA LYS A 189 -3.71 12.58 -9.12
C LYS A 189 -3.13 13.28 -7.89
N GLY A 190 -3.77 13.11 -6.74
CA GLY A 190 -3.26 13.72 -5.54
C GLY A 190 -1.86 13.21 -5.22
N GLU A 191 -1.64 11.90 -5.35
CA GLU A 191 -0.32 11.37 -5.08
C GLU A 191 0.71 11.92 -6.04
N ALA A 192 0.37 11.97 -7.31
CA ALA A 192 1.32 12.39 -8.35
C ALA A 192 1.70 13.87 -8.19
N TYR A 193 0.72 14.73 -7.86
CA TYR A 193 1.03 16.14 -7.68
C TYR A 193 1.73 16.39 -6.35
N LEU A 194 1.47 15.60 -5.29
CA LEU A 194 2.33 15.70 -4.13
C LEU A 194 3.78 15.37 -4.47
N TRP A 195 3.98 14.32 -5.27
CA TRP A 195 5.29 13.87 -5.61
C TRP A 195 6.00 14.93 -6.48
N SER A 196 5.33 15.45 -7.50
CA SER A 196 6.02 16.49 -8.27
CA SER A 196 5.83 16.55 -8.33
C SER A 196 6.23 17.75 -7.44
N GLY A 197 5.29 18.07 -6.55
CA GLY A 197 5.45 19.25 -5.71
C GLY A 197 6.68 19.17 -4.79
N ARG A 198 6.87 18.00 -4.16
CA ARG A 198 7.88 17.83 -3.14
C ARG A 198 9.19 17.27 -3.66
N GLN A 199 9.12 16.37 -4.62
CA GLN A 199 10.29 15.72 -5.18
C GLN A 199 10.82 16.33 -6.47
N ASN A 201 10.33 19.86 -7.41
CA ASN A 201 10.35 21.32 -7.35
C ASN A 201 9.04 21.97 -7.74
N GLY A 202 7.94 21.25 -7.74
CA GLY A 202 6.66 21.87 -8.16
C GLY A 202 6.16 22.89 -7.16
N GLY A 203 6.39 22.67 -5.88
CA GLY A 203 5.97 23.58 -4.84
C GLY A 203 4.46 23.75 -4.75
N ASN A 204 4.08 24.93 -4.24
CA ASN A 204 2.75 25.14 -3.75
C ASN A 204 1.67 24.95 -4.79
N SER A 205 1.92 25.34 -6.05
CA SER A 205 0.90 25.16 -7.04
C SER A 205 0.55 23.67 -7.26
N ASP A 206 1.53 22.81 -7.20
CA ASP A 206 1.29 21.36 -7.27
C ASP A 206 0.60 20.84 -6.00
N TYR A 207 0.97 21.35 -4.82
CA TYR A 207 0.27 20.95 -3.58
C TYR A 207 -1.18 21.36 -3.61
N THR A 208 -1.49 22.52 -4.21
CA THR A 208 -2.88 22.93 -4.36
C THR A 208 -3.67 22.00 -5.26
N ILE A 209 -3.07 21.62 -6.40
CA ILE A 209 -3.71 20.63 -7.28
C ILE A 209 -3.96 19.32 -6.52
N ALA A 210 -2.95 18.87 -5.80
CA ALA A 210 -3.10 17.66 -5.02
C ALA A 210 -4.23 17.74 -4.00
N LYS A 211 -4.24 18.82 -3.23
CA LYS A 211 -5.28 19.04 -2.23
C LYS A 211 -6.66 18.94 -2.87
N ASN A 212 -6.84 19.62 -4.00
CA ASN A 212 -8.10 19.63 -4.68
C ASN A 212 -8.52 18.25 -5.19
N ALA A 213 -7.53 17.48 -5.65
CA ALA A 213 -7.78 16.11 -6.08
C ALA A 213 -8.28 15.23 -4.94
N PHE A 214 -7.60 15.30 -3.78
CA PHE A 214 -8.06 14.56 -2.64
C PHE A 214 -9.44 14.98 -2.18
N GLU A 215 -9.73 16.28 -2.25
CA GLU A 215 -11.08 16.78 -1.93
C GLU A 215 -12.11 16.18 -2.89
N ASN A 216 -11.73 16.07 -4.16
CA ASN A 216 -12.65 15.50 -5.16
C ASN A 216 -13.03 14.06 -4.90
N VAL A 217 -12.14 13.31 -4.26
CA VAL A 217 -12.47 11.91 -3.90
C VAL A 217 -13.76 11.82 -3.10
N LYS A 218 -14.02 12.85 -2.29
CA LYS A 218 -15.21 12.91 -1.47
C LYS A 218 -16.51 12.97 -2.27
N LYS A 219 -16.42 13.26 -3.56
CA LYS A 219 -17.59 13.22 -4.46
C LYS A 219 -18.13 11.82 -4.66
N ALA A 220 -17.29 10.81 -4.44
CA ALA A 220 -17.75 9.45 -4.52
C ALA A 220 -18.44 9.05 -3.18
N ASP A 221 -19.11 7.92 -3.21
CA ASP A 221 -19.77 7.37 -2.03
C ASP A 221 -18.76 6.63 -1.17
N VAL A 222 -18.01 7.41 -0.41
CA VAL A 222 -16.88 6.93 0.39
C VAL A 222 -16.95 7.54 1.78
N GLY A 223 -16.45 6.80 2.76
CA GLY A 223 -16.33 7.29 4.10
C GLY A 223 -15.62 6.25 4.93
N LEU A 224 -15.31 6.62 6.16
CA LEU A 224 -14.63 5.65 7.04
C LEU A 224 -15.61 4.57 7.55
N VAL A 225 -15.14 3.34 7.58
CA VAL A 225 -15.82 2.26 8.30
C VAL A 225 -15.55 2.52 9.79
N THR A 226 -16.58 2.85 10.57
CA THR A 226 -16.38 3.23 11.97
C THR A 226 -16.58 2.11 12.95
N SER A 227 -17.26 1.04 12.57
CA SER A 227 -17.53 -0.02 13.52
C SER A 227 -16.26 -0.51 14.19
N SER A 228 -15.26 -0.82 13.36
CA SER A 228 -13.92 -1.12 13.85
C SER A 228 -12.96 -1.14 12.69
N PHE A 229 -11.70 -0.94 13.02
CA PHE A 229 -10.62 -1.11 12.05
C PHE A 229 -10.66 -2.51 11.39
N LYS A 230 -10.88 -3.54 12.19
CA LYS A 230 -10.94 -4.88 11.67
C LYS A 230 -12.01 -5.05 10.59
N ASP A 231 -13.15 -4.40 10.73
CA ASP A 231 -14.22 -4.53 9.77
C ASP A 231 -13.86 -3.94 8.39
N ILE A 232 -12.87 -3.06 8.33
CA ILE A 232 -12.43 -2.56 7.03
C ILE A 232 -11.99 -3.70 6.13
N PHE A 233 -11.27 -4.65 6.74
CA PHE A 233 -10.52 -5.66 6.01
C PHE A 233 -11.19 -7.01 5.92
N SER A 234 -12.29 -7.20 6.64
CA SER A 234 -12.94 -8.48 6.80
CA SER A 234 -12.83 -8.53 6.78
C SER A 234 -13.37 -9.10 5.48
N PHE A 235 -13.22 -10.42 5.36
CA PHE A 235 -13.67 -11.17 4.21
C PHE A 235 -15.18 -10.99 4.00
N GLU A 236 -15.92 -10.82 5.09
CA GLU A 236 -17.37 -10.68 5.02
C GLU A 236 -17.86 -9.28 4.81
N ASN A 237 -16.99 -8.28 4.74
CA ASN A 237 -17.40 -6.89 4.54
C ASN A 237 -16.73 -6.25 3.35
N LYS A 238 -16.41 -7.04 2.34
CA LYS A 238 -15.77 -6.50 1.15
C LYS A 238 -16.54 -5.40 0.47
N LYS A 239 -15.79 -4.51 -0.19
CA LYS A 239 -16.38 -3.42 -0.99
C LYS A 239 -17.25 -2.51 -0.16
N ASN A 240 -16.85 -2.34 1.09
CA ASN A 240 -17.46 -1.39 2.02
C ASN A 240 -17.13 0.04 1.58
N LYS A 241 -17.74 1.00 2.24
CA LYS A 241 -17.66 2.40 1.79
CA LYS A 241 -17.68 2.43 1.85
C LYS A 241 -16.31 3.02 1.97
N GLU A 242 -15.41 2.37 2.70
CA GLU A 242 -14.06 2.87 2.80
C GLU A 242 -13.25 2.58 1.55
N ILE A 244 -12.05 2.78 -2.03
CA ILE A 244 -12.06 3.56 -3.25
C ILE A 244 -11.63 2.65 -4.42
N PHE A 245 -10.51 1.94 -4.24
CA PHE A 245 -10.09 0.94 -5.22
C PHE A 245 -9.48 -0.19 -4.42
N THR A 246 -10.03 -1.38 -4.63
CA THR A 246 -9.62 -2.56 -3.89
C THR A 246 -9.46 -3.74 -4.86
N ILE A 247 -8.42 -4.52 -4.66
CA ILE A 247 -8.15 -5.69 -5.51
C ILE A 247 -9.02 -6.85 -5.03
N HIS A 248 -9.92 -7.32 -5.88
CA HIS A 248 -10.77 -8.47 -5.58
C HIS A 248 -10.01 -9.77 -5.64
N ASN A 249 -9.93 -10.45 -4.49
CA ASN A 249 -9.44 -11.83 -4.42
C ASN A 249 -10.62 -12.70 -4.00
N GLY A 250 -10.50 -14.01 -4.20
CA GLY A 250 -11.60 -14.85 -3.80
C GLY A 250 -11.39 -16.29 -4.14
N LYS A 251 -12.23 -17.12 -3.53
CA LYS A 251 -12.22 -18.56 -3.73
C LYS A 251 -12.38 -18.86 -5.23
N ASP A 252 -11.50 -19.69 -5.77
CA ASP A 252 -11.56 -20.12 -7.18
C ASP A 252 -11.40 -18.95 -8.13
N GLU A 253 -10.77 -17.86 -7.66
CA GLU A 253 -10.44 -16.71 -8.50
C GLU A 253 -8.98 -16.29 -8.34
N TYR A 254 -8.59 -15.89 -7.15
CA TYR A 254 -7.19 -15.55 -6.90
C TYR A 254 -6.98 -15.51 -5.40
N GLU A 255 -5.87 -16.05 -4.94
CA GLU A 255 -5.51 -15.93 -3.53
C GLU A 255 -4.90 -14.55 -3.33
N TRP A 257 -2.43 -11.76 -3.00
CA TRP A 257 -1.04 -11.68 -3.38
C TRP A 257 -0.56 -12.93 -4.15
N GLY A 258 -1.49 -13.69 -4.75
CA GLY A 258 -1.11 -14.89 -5.46
C GLY A 258 -0.43 -15.93 -4.60
N GLY A 259 -0.74 -15.92 -3.30
CA GLY A 259 -0.15 -16.82 -2.33
C GLY A 259 1.03 -16.24 -1.55
N TYR A 260 1.55 -15.09 -1.97
CA TYR A 260 2.73 -14.52 -1.36
CA TYR A 260 2.72 -14.59 -1.31
C TYR A 260 2.47 -13.84 -0.02
N TYR A 261 1.22 -13.61 0.34
CA TYR A 261 0.89 -13.14 1.72
C TYR A 261 1.12 -14.30 2.68
N ARG A 262 0.38 -15.39 2.43
CA ARG A 262 0.53 -16.62 3.19
C ARG A 262 1.99 -17.08 3.23
N ARG A 264 4.87 -15.43 2.66
CA ARG A 264 5.93 -14.52 3.08
C ARG A 264 5.73 -13.91 4.46
N LEU A 265 4.50 -13.81 4.97
CA LEU A 265 4.22 -13.06 6.18
C LEU A 265 3.58 -13.87 7.31
N ILE A 266 3.20 -15.14 7.08
CA ILE A 266 2.32 -15.84 8.04
C ILE A 266 3.09 -16.97 8.73
N PRO A 267 2.82 -17.21 10.03
CA PRO A 267 3.53 -18.28 10.78
C PRO A 267 3.11 -19.67 10.33
N ALA A 268 4.00 -20.62 10.58
CA ALA A 268 3.68 -22.04 10.43
C ALA A 268 2.70 -22.53 11.48
N GLN A 269 1.74 -23.33 11.03
CA GLN A 269 0.77 -23.92 11.94
C GLN A 269 1.45 -24.68 13.08
N ASP A 270 2.49 -25.44 12.75
CA ASP A 270 3.13 -26.24 13.77
C ASP A 270 3.69 -25.37 14.92
N LYS A 271 4.15 -24.17 14.61
CA LYS A 271 4.64 -23.26 15.66
C LYS A 271 3.47 -22.77 16.48
N VAL A 273 0.67 -24.27 17.01
CA VAL A 273 0.02 -25.39 17.73
C VAL A 273 0.94 -25.95 18.80
N LYS A 274 2.24 -26.10 18.52
CA LYS A 274 3.14 -26.87 19.37
C LYS A 274 4.07 -26.04 20.18
N ILE A 275 4.40 -24.81 19.76
CA ILE A 275 5.56 -24.09 20.33
C ILE A 275 5.17 -22.83 21.07
N TYR A 276 4.35 -21.97 20.45
CA TYR A 276 4.01 -20.65 21.03
C TYR A 276 2.85 -20.74 22.03
N CYS A 277 2.68 -19.69 22.77
CA CYS A 277 1.57 -19.54 23.69
C CYS A 277 1.14 -18.07 23.66
N ASP A 278 0.05 -17.82 24.37
CA ASP A 278 -0.47 -16.45 24.50
C ASP A 278 0.11 -15.78 25.78
N GLU A 279 -0.36 -14.55 26.07
CA GLU A 279 0.25 -13.77 27.13
C GLU A 279 0.00 -14.39 28.51
N ASN A 280 -1.00 -15.26 28.60
CA ASN A 280 -1.33 -15.96 29.85
C ASN A 280 -0.55 -17.27 29.98
N GLY A 281 0.24 -17.66 28.99
CA GLY A 281 0.95 -18.90 28.99
C GLY A 281 0.18 -20.08 28.43
N ASN A 282 -0.94 -19.83 27.75
CA ASN A 282 -1.84 -20.88 27.28
C ASN A 282 -1.68 -21.12 25.78
N SER A 283 -1.87 -22.36 25.40
CA SER A 283 -1.76 -22.81 24.02
C SER A 283 -2.80 -22.20 23.10
N PHE A 284 -2.46 -22.11 21.82
CA PHE A 284 -3.40 -21.75 20.78
C PHE A 284 -4.22 -22.92 20.26
N VAL A 285 -3.94 -24.14 20.71
CA VAL A 285 -4.78 -25.28 20.34
C VAL A 285 -6.21 -25.00 20.74
N GLY A 286 -7.13 -25.29 19.83
CA GLY A 286 -8.55 -25.10 20.09
C GLY A 286 -9.04 -23.72 19.82
N THR A 287 -8.16 -22.81 19.36
CA THR A 287 -8.50 -21.42 19.07
C THR A 287 -8.41 -21.15 17.57
N PRO A 288 -8.99 -20.05 17.10
CA PRO A 288 -8.87 -19.75 15.67
C PRO A 288 -7.45 -19.57 15.23
N ASP A 289 -6.55 -19.15 16.11
CA ASP A 289 -5.18 -18.90 15.71
C ASP A 289 -4.43 -20.18 15.32
N ALA A 290 -4.92 -21.32 15.76
CA ALA A 290 -4.37 -22.60 15.35
C ALA A 290 -4.61 -22.90 13.87
N GLN A 291 -5.47 -22.13 13.21
CA GLN A 291 -5.77 -22.33 11.77
C GLN A 291 -4.72 -21.70 10.88
N LEU A 292 -3.87 -20.82 11.41
CA LEU A 292 -2.93 -20.07 10.56
C LEU A 292 -1.85 -21.01 10.05
N ASN A 293 -1.50 -20.93 8.77
CA ASN A 293 -0.41 -21.73 8.23
C ASN A 293 0.20 -21.08 7.03
N GLY A 294 1.42 -20.69 7.12
CA GLY A 294 2.15 -20.06 6.05
C GLY A 294 3.62 -20.14 6.30
N LEU A 295 4.36 -19.28 5.64
CA LEU A 295 5.80 -19.15 5.79
C LEU A 295 6.13 -17.67 5.97
N THR A 296 7.01 -17.36 6.93
CA THR A 296 7.41 -15.99 7.18
C THR A 296 8.85 -15.78 6.73
N GLN A 297 9.02 -14.91 5.73
CA GLN A 297 10.35 -14.47 5.30
C GLN A 297 10.64 -12.98 5.54
N LEU A 298 9.60 -12.19 5.86
CA LEU A 298 9.70 -10.81 6.25
C LEU A 298 9.09 -10.72 7.65
N GLN A 299 9.89 -10.32 8.64
CA GLN A 299 9.50 -10.34 10.05
C GLN A 299 9.45 -8.93 10.60
N VAL A 300 8.27 -8.52 11.05
CA VAL A 300 8.10 -7.28 11.76
C VAL A 300 9.08 -7.27 12.94
N ARG A 301 9.79 -6.16 13.13
CA ARG A 301 10.76 -6.04 14.22
CA ARG A 301 10.75 -6.11 14.21
C ARG A 301 10.04 -6.37 15.54
N ARG A 302 10.65 -7.22 16.34
CA ARG A 302 10.03 -7.65 17.60
C ARG A 302 9.75 -6.46 18.52
N GLU A 303 10.68 -5.50 18.57
CA GLU A 303 10.58 -4.33 19.40
CA GLU A 303 10.50 -4.36 19.46
C GLU A 303 9.40 -3.43 18.98
N PHE A 304 9.04 -3.47 17.70
CA PHE A 304 8.00 -2.60 17.19
C PHE A 304 6.66 -2.85 17.84
N TYR A 305 6.40 -4.09 18.25
CA TYR A 305 5.10 -4.41 18.81
C TYR A 305 4.76 -3.51 19.99
N PHE A 306 5.75 -3.15 20.80
CA PHE A 306 5.52 -2.31 21.98
C PHE A 306 5.83 -0.83 21.77
N LYS A 307 6.24 -0.46 20.56
CA LYS A 307 6.55 0.92 20.24
C LYS A 307 5.76 1.48 19.06
N GLY A 308 4.77 0.75 18.58
CA GLY A 308 4.00 1.15 17.40
C GLY A 308 2.77 1.96 17.71
N PHE A 309 2.08 1.59 18.82
CA PHE A 309 0.69 2.02 19.07
C PHE A 309 0.51 2.36 20.53
N ARG A 310 -0.25 3.40 20.78
CA ARG A 310 -0.68 3.71 22.12
C ARG A 310 -1.72 2.71 22.60
N ASN A 311 -1.83 2.58 23.93
CA ASN A 311 -2.82 1.69 24.47
CA ASN A 311 -2.83 1.71 24.53
C ASN A 311 -4.22 2.11 23.98
N ASN A 312 -5.03 1.10 23.71
CA ASN A 312 -6.40 1.25 23.29
C ASN A 312 -6.59 1.72 21.83
N ASP A 313 -5.50 1.84 21.07
CA ASP A 313 -5.59 1.99 19.63
C ASP A 313 -5.89 0.59 19.08
N THR A 314 -7.09 0.37 18.57
CA THR A 314 -7.49 -0.94 18.12
C THR A 314 -6.70 -1.42 16.90
N ARG A 315 -6.00 -0.52 16.23
CA ARG A 315 -5.18 -0.94 15.10
C ARG A 315 -4.03 -1.85 15.55
N TRP A 316 -3.60 -1.69 16.80
CA TRP A 316 -2.47 -2.44 17.34
C TRP A 316 -2.68 -3.94 17.26
N THR A 317 -3.71 -4.45 17.95
CA THR A 317 -3.92 -5.88 18.03
C THR A 317 -4.73 -6.43 16.86
N THR A 318 -5.24 -5.54 16.01
CA THR A 318 -5.82 -5.97 14.73
C THR A 318 -4.67 -6.20 13.72
N SER A 319 -3.67 -5.32 13.72
CA SER A 319 -2.55 -5.43 12.77
C SER A 319 -1.55 -6.48 13.11
N LEU A 320 -1.30 -6.68 14.43
CA LEU A 320 -0.26 -7.58 14.94
C LEU A 320 -0.81 -8.41 16.05
N LYS A 321 -0.29 -9.62 16.20
CA LYS A 321 -0.52 -10.42 17.40
CA LYS A 321 -0.53 -10.42 17.40
C LYS A 321 0.82 -10.78 18.02
N ALA A 322 0.92 -10.59 19.33
CA ALA A 322 2.10 -11.02 20.06
C ALA A 322 1.99 -12.50 20.38
N VAL A 323 3.04 -13.23 20.09
CA VAL A 323 3.18 -14.59 20.57
C VAL A 323 4.32 -14.66 21.59
N TYR A 324 4.15 -15.61 22.48
CA TYR A 324 4.98 -15.82 23.65
C TYR A 324 5.47 -17.26 23.61
N LYS A 325 6.40 -17.56 24.52
CA LYS A 325 6.71 -18.96 24.83
CA LYS A 325 6.80 -18.94 24.85
C LYS A 325 6.77 -19.11 26.35
N LYS A 326 6.30 -20.26 26.81
CA LYS A 326 6.35 -20.60 28.22
C LYS A 326 7.43 -21.65 28.40
N ASP A 327 8.46 -21.35 29.13
CA ASP A 327 9.56 -22.27 29.31
C ASP A 327 9.20 -23.38 30.30
N ALA A 328 10.12 -24.32 30.47
CA ALA A 328 9.87 -25.49 31.33
C ALA A 328 9.79 -25.08 32.80
N GLN A 329 10.27 -23.88 33.13
CA GLN A 329 10.24 -23.30 34.48
C GLN A 329 8.92 -22.52 34.72
N GLY A 330 8.02 -22.51 33.72
CA GLY A 330 6.76 -21.86 33.84
C GLY A 330 6.76 -20.38 33.51
N VAL A 331 7.87 -19.84 33.06
CA VAL A 331 8.01 -18.42 32.81
C VAL A 331 7.54 -18.13 31.40
N VAL A 332 6.62 -17.19 31.27
CA VAL A 332 6.06 -16.77 29.99
C VAL A 332 6.80 -15.53 29.53
N SER A 333 7.39 -15.56 28.34
CA SER A 333 8.21 -14.49 27.79
CA SER A 333 8.11 -14.41 27.83
C SER A 333 7.70 -14.12 26.39
N TYR A 334 7.66 -12.83 26.08
CA TYR A 334 7.35 -12.34 24.76
C TYR A 334 8.37 -12.88 23.77
N PHE A 335 7.89 -13.39 22.65
CA PHE A 335 8.74 -14.00 21.64
C PHE A 335 8.79 -13.13 20.37
N GLY A 336 7.64 -12.71 19.87
CA GLY A 336 7.63 -11.81 18.75
C GLY A 336 6.23 -11.61 18.23
N PRO A 337 6.11 -10.79 17.18
CA PRO A 337 4.80 -10.50 16.57
C PRO A 337 4.57 -11.34 15.34
N ILE A 338 3.30 -11.60 15.05
CA ILE A 338 2.85 -12.19 13.79
C ILE A 338 1.95 -11.19 13.07
N THR A 339 2.05 -11.23 11.75
CA THR A 339 1.22 -10.44 10.85
C THR A 339 -0.24 -10.82 11.02
N TYR A 340 -1.11 -9.84 11.26
CA TYR A 340 -2.47 -10.17 11.72
C TYR A 340 -3.59 -9.39 11.00
N LYS A 341 -3.26 -8.42 10.15
CA LYS A 341 -4.32 -7.58 9.59
C LYS A 341 -5.32 -8.31 8.72
N PHE A 342 -4.80 -9.19 7.84
CA PHE A 342 -5.64 -9.93 6.90
C PHE A 342 -5.89 -11.32 7.45
N GLN A 343 -7.13 -11.57 7.85
CA GLN A 343 -7.53 -12.78 8.51
C GLN A 343 -8.13 -13.83 7.61
N GLY A 344 -8.45 -13.48 6.38
CA GLY A 344 -8.99 -14.47 5.46
C GLY A 344 -10.29 -15.08 5.98
N THR A 345 -10.48 -16.34 5.61
CA THR A 345 -11.70 -17.06 5.89
C THR A 345 -11.37 -18.51 6.12
N LEU A 347 -12.82 -22.02 5.17
CA LEU A 347 -13.74 -22.76 4.36
C LEU A 347 -14.19 -24.04 5.09
N GLU A 348 -15.49 -24.33 5.02
CA GLU A 348 -16.05 -25.57 5.58
C GLU A 348 -15.28 -26.79 5.03
N GLY A 349 -14.85 -27.65 5.93
CA GLY A 349 -14.00 -28.79 5.56
C GLY A 349 -12.50 -28.62 5.67
N GLY A 350 -12.05 -27.36 5.72
CA GLY A 350 -10.62 -27.05 5.73
C GLY A 350 -9.96 -27.18 7.07
N SER A 351 -8.63 -27.25 7.09
CA SER A 351 -7.88 -27.25 8.32
C SER A 351 -7.00 -26.03 8.50
N THR A 352 -6.79 -25.24 7.43
CA THR A 352 -5.99 -24.03 7.53
C THR A 352 -6.76 -22.85 6.97
N ARG A 353 -6.40 -21.66 7.44
CA ARG A 353 -7.02 -20.42 6.98
C ARG A 353 -6.74 -20.20 5.48
N SER A 354 -7.73 -19.67 4.80
CA SER A 354 -7.60 -19.29 3.40
C SER A 354 -7.49 -17.79 3.27
N PHE A 355 -6.39 -17.31 2.73
CA PHE A 355 -6.11 -15.86 2.62
C PHE A 355 -6.70 -15.30 1.35
N LEU A 356 -8.01 -15.08 1.44
CA LEU A 356 -8.86 -14.68 0.31
C LEU A 356 -9.44 -13.30 0.48
N ASP A 357 -8.84 -12.50 1.38
CA ASP A 357 -9.28 -11.12 1.53
C ASP A 357 -9.00 -10.33 0.27
N ASP A 358 -9.82 -9.30 0.03
CA ASP A 358 -9.46 -8.29 -0.93
C ASP A 358 -8.25 -7.49 -0.44
N PHE A 359 -7.45 -6.97 -1.34
CA PHE A 359 -6.29 -6.17 -0.99
C PHE A 359 -6.53 -4.71 -1.32
N PRO A 360 -6.75 -3.85 -0.32
CA PRO A 360 -7.04 -2.44 -0.63
C PRO A 360 -5.85 -1.75 -1.27
N ILE A 361 -6.13 -0.91 -2.27
CA ILE A 361 -5.15 -0.02 -2.90
C ILE A 361 -5.35 1.38 -2.39
N TYR A 362 -6.57 1.89 -2.54
CA TYR A 362 -6.94 3.22 -2.02
C TYR A 362 -8.14 3.11 -1.10
N ARG A 363 -7.95 3.55 0.15
CA ARG A 363 -8.97 3.60 1.18
C ARG A 363 -9.30 5.02 1.57
N TYR A 364 -10.48 5.27 2.12
CA TYR A 364 -10.82 6.62 2.51
C TYR A 364 -9.85 7.20 3.58
N ALA A 365 -9.34 6.39 4.51
CA ALA A 365 -8.37 6.94 5.46
C ALA A 365 -7.15 7.49 4.72
N ASP A 366 -6.78 6.86 3.60
CA ASP A 366 -5.63 7.30 2.78
C ASP A 366 -5.96 8.67 2.18
N CYS A 367 -7.16 8.84 1.63
CA CYS A 367 -7.60 10.15 1.17
C CYS A 367 -7.40 11.19 2.28
N LEU A 368 -7.94 10.91 3.46
CA LEU A 368 -7.86 11.90 4.54
C LEU A 368 -6.43 12.25 4.93
N LEU A 369 -5.57 11.23 5.05
CA LEU A 369 -4.21 11.49 5.51
C LEU A 369 -3.36 12.17 4.43
N GLN A 370 -3.59 11.85 3.17
CA GLN A 370 -2.87 12.55 2.10
C GLN A 370 -3.42 13.98 1.91
N LEU A 371 -4.73 14.17 2.11
CA LEU A 371 -5.28 15.51 2.19
C LEU A 371 -4.60 16.29 3.30
N ALA A 372 -4.43 15.68 4.47
CA ALA A 372 -3.73 16.28 5.58
C ALA A 372 -2.31 16.68 5.19
N ALA A 374 -1.11 17.31 2.07
CA ALA A 374 -1.18 18.41 1.13
C ALA A 374 -1.45 19.71 1.90
N LYS A 375 -2.39 19.69 2.83
CA LYS A 375 -2.67 20.84 3.65
C LYS A 375 -1.42 21.31 4.39
N VAL A 376 -0.74 20.43 5.09
CA VAL A 376 0.45 20.83 5.85
C VAL A 376 1.50 21.47 4.96
N LEU A 377 1.72 20.88 3.79
CA LEU A 377 2.69 21.39 2.85
C LEU A 377 2.37 22.80 2.38
N LEU A 378 1.08 23.13 2.35
CA LEU A 378 0.56 24.47 2.06
C LEU A 378 0.42 25.34 3.28
N GLY A 379 0.80 24.90 4.47
CA GLY A 379 0.68 25.68 5.68
C GLY A 379 -0.70 25.62 6.32
N GLU A 380 -1.58 24.78 5.83
CA GLU A 380 -2.93 24.65 6.36
CA GLU A 380 -2.94 24.64 6.35
C GLU A 380 -3.03 23.63 7.50
N ASP A 381 -4.11 23.72 8.27
CA ASP A 381 -4.34 22.94 9.45
C ASP A 381 -4.89 21.54 9.09
N PRO A 382 -4.18 20.47 9.47
CA PRO A 382 -4.60 19.08 9.19
C PRO A 382 -5.38 18.42 10.35
N THR A 383 -5.73 19.16 11.38
CA THR A 383 -6.28 18.56 12.58
C THR A 383 -7.47 17.66 12.34
N GLU A 384 -8.40 18.13 11.52
CA GLU A 384 -9.66 17.40 11.30
CA GLU A 384 -9.64 17.39 11.42
C GLU A 384 -9.42 16.03 10.72
N GLU A 385 -8.57 15.99 9.70
CA GLU A 385 -8.26 14.76 9.01
C GLU A 385 -7.54 13.75 9.91
N ILE A 386 -6.54 14.23 10.64
CA ILE A 386 -5.80 13.36 11.53
C ILE A 386 -6.74 12.79 12.59
N ASN A 387 -7.52 13.67 13.22
CA ASN A 387 -8.40 13.23 14.30
C ASN A 387 -9.57 12.39 13.81
N ALA A 388 -10.02 12.52 12.56
CA ALA A 388 -11.07 11.62 12.06
C ALA A 388 -10.51 10.18 12.05
N VAL A 389 -9.29 10.02 11.58
CA VAL A 389 -8.62 8.74 11.53
C VAL A 389 -8.36 8.20 12.94
N ARG A 390 -7.85 9.05 13.84
CA ARG A 390 -7.62 8.62 15.21
C ARG A 390 -8.89 8.25 15.94
N GLU A 391 -9.95 9.04 15.75
CA GLU A 391 -11.19 8.74 16.45
C GLU A 391 -11.69 7.35 16.05
N ARG A 392 -11.55 7.00 14.75
CA ARG A 392 -11.96 5.67 14.29
C ARG A 392 -11.09 4.59 14.94
N ALA A 393 -9.80 4.83 15.08
CA ALA A 393 -8.84 3.86 15.63
C ALA A 393 -9.11 3.57 17.10
N TYR A 394 -9.34 4.59 17.92
CA TYR A 394 -9.61 4.39 19.34
C TYR A 394 -11.09 4.12 19.63
N GLY A 395 -11.95 4.51 18.70
CA GLY A 395 -13.41 4.55 18.88
C GLY A 395 -13.83 5.83 19.54
N SER A 396 -15.00 6.32 19.16
CA SER A 396 -15.44 7.59 19.68
C SER A 396 -15.49 7.66 21.20
N LYS A 397 -15.95 6.61 21.87
CA LYS A 397 -16.08 6.69 23.31
C LYS A 397 -14.72 6.98 23.99
N TYR A 398 -13.73 6.16 23.70
CA TYR A 398 -12.44 6.33 24.28
C TYR A 398 -11.79 7.60 23.80
N PHE A 399 -11.89 7.91 22.52
CA PHE A 399 -11.28 9.10 21.95
C PHE A 399 -11.79 10.34 22.70
N ASN A 400 -13.09 10.44 22.85
CA ASN A 400 -13.68 11.63 23.48
C ASN A 400 -13.32 11.78 24.94
N GLU A 401 -12.98 10.69 25.61
CA GLU A 401 -12.59 10.69 27.00
C GLU A 401 -11.10 10.99 27.15
N HIS A 402 -10.31 10.83 26.09
CA HIS A 402 -8.84 10.89 26.21
C HIS A 402 -8.19 11.82 25.19
N LYS A 403 -8.91 12.86 24.75
CA LYS A 403 -8.37 13.79 23.78
C LYS A 403 -7.07 14.42 24.24
N ALA A 404 -6.95 14.72 25.53
CA ALA A 404 -5.76 15.38 26.03
C ALA A 404 -4.50 14.48 25.92
N GLU A 405 -4.71 13.19 25.77
CA GLU A 405 -3.63 12.19 25.67
CA GLU A 405 -3.60 12.24 25.65
C GLU A 405 -3.34 11.77 24.22
N ILE A 406 -4.39 11.55 23.42
CA ILE A 406 -4.21 10.88 22.15
C ILE A 406 -4.81 11.59 20.95
N ALA A 407 -5.62 12.65 21.11
CA ALA A 407 -6.04 13.44 19.96
C ALA A 407 -4.86 14.28 19.51
N TYR A 408 -4.79 14.55 18.20
CA TYR A 408 -3.79 15.49 17.70
C TYR A 408 -4.11 16.88 18.23
N PRO A 409 -3.12 17.64 18.71
CA PRO A 409 -1.68 17.43 18.65
C PRO A 409 -1.06 17.03 20.02
N ASN A 410 -1.77 16.16 20.75
CA ASN A 410 -1.44 15.86 22.13
C ASN A 410 -0.82 14.51 22.38
N ASP A 411 -0.59 13.74 21.33
CA ASP A 411 -0.03 12.40 21.43
C ASP A 411 1.49 12.50 21.55
N ASN A 412 1.93 12.78 22.78
CA ASN A 412 3.29 13.24 23.08
C ASN A 412 4.01 12.43 24.17
N ASP A 413 3.34 11.44 24.75
CA ASP A 413 3.79 10.79 25.99
C ASP A 413 5.29 10.51 25.98
N PRO A 414 6.04 11.11 26.92
CA PRO A 414 7.50 10.96 26.89
C PRO A 414 8.01 9.54 26.95
N GLU A 415 7.44 8.72 27.81
CA GLU A 415 7.92 7.34 27.95
C GLU A 415 7.70 6.57 26.63
N PHE A 416 6.51 6.68 26.03
CA PHE A 416 6.23 5.92 24.85
C PHE A 416 7.20 6.32 23.72
N TYR A 417 7.48 7.61 23.55
CA TYR A 417 8.31 8.09 22.49
C TYR A 417 9.80 8.01 22.73
N THR A 418 10.19 7.70 23.95
CA THR A 418 11.60 7.42 24.27
C THR A 418 12.04 6.10 23.64
N ASP A 419 13.25 6.11 23.06
CA ASP A 419 13.80 4.91 22.43
C ASP A 419 12.83 4.33 21.42
N ASN A 420 12.24 5.25 20.62
CA ASN A 420 11.24 4.86 19.63
C ASN A 420 11.71 5.33 18.29
N LYS A 421 12.40 4.44 17.56
CA LYS A 421 13.03 4.87 16.31
CA LYS A 421 13.04 4.81 16.29
C LYS A 421 12.04 5.01 15.16
N TRP A 422 10.80 4.58 15.35
CA TRP A 422 9.80 4.56 14.29
C TRP A 422 8.96 5.82 14.12
N LYS A 424 7.69 9.90 16.16
CA LYS A 424 7.94 11.06 17.04
CA LYS A 424 7.93 10.96 17.14
C LYS A 424 6.64 11.44 17.76
N PRO A 425 6.77 12.14 18.90
CA PRO A 425 5.61 12.79 19.45
CA PRO A 425 5.63 12.83 19.47
C PRO A 425 4.97 13.76 18.46
N ASP A 426 3.68 14.01 18.64
CA ASP A 426 3.02 15.00 17.80
C ASP A 426 3.74 16.35 17.77
N ASN A 427 4.31 16.74 18.91
CA ASN A 427 5.00 18.04 19.03
C ASN A 427 6.25 18.15 18.19
N ALA A 428 6.67 17.08 17.50
CA ALA A 428 7.74 17.13 16.52
C ALA A 428 7.29 17.72 15.20
N GLY A 429 6.02 17.97 15.07
CA GLY A 429 5.50 18.67 13.90
C GLY A 429 4.47 17.89 13.12
N ALA A 430 3.70 18.57 12.30
CA ALA A 430 2.58 17.96 11.59
C ALA A 430 3.00 16.91 10.56
N LEU A 431 4.11 17.14 9.84
CA LEU A 431 4.57 16.13 8.92
C LEU A 431 4.94 14.81 9.60
N GLU A 432 5.67 14.88 10.71
CA GLU A 432 5.95 13.71 11.47
C GLU A 432 4.69 13.06 11.98
N ALA A 433 3.74 13.86 12.45
CA ALA A 433 2.50 13.28 12.96
C ALA A 433 1.76 12.49 11.88
N ILE A 434 1.76 12.99 10.64
CA ILE A 434 1.08 12.31 9.54
C ILE A 434 1.86 11.05 9.16
N LEU A 435 3.19 11.09 9.17
CA LEU A 435 3.97 9.86 8.93
C LEU A 435 3.60 8.81 9.98
N LYS A 436 3.51 9.21 11.24
CA LYS A 436 3.18 8.28 12.32
C LYS A 436 1.81 7.71 12.10
N GLU A 437 0.86 8.57 11.73
CA GLU A 437 -0.53 8.13 11.54
C GLU A 437 -0.60 7.11 10.40
N ARG A 438 0.09 7.39 9.30
CA ARG A 438 0.09 6.49 8.17
C ARG A 438 0.76 5.16 8.50
N LEU A 439 1.81 5.21 9.34
CA LEU A 439 2.49 3.99 9.76
C LEU A 439 1.48 3.08 10.52
N ARG A 440 0.79 3.69 11.48
CA ARG A 440 -0.19 2.97 12.26
C ARG A 440 -1.34 2.45 11.42
N GLU A 441 -1.77 3.19 10.40
CA GLU A 441 -2.97 2.92 9.65
C GLU A 441 -2.71 1.84 8.57
N PHE A 442 -1.52 1.77 7.98
CA PHE A 442 -1.29 1.10 6.71
C PHE A 442 -0.30 -0.05 6.74
N PHE A 444 1.28 -3.46 6.14
CA PHE A 444 0.97 -4.51 5.16
C PHE A 444 0.17 -4.03 3.95
N GLU A 445 0.04 -2.70 3.77
CA GLU A 445 -0.67 -2.12 2.67
C GLU A 445 0.22 -1.39 1.68
N GLY A 446 1.53 -1.43 1.87
CA GLY A 446 2.40 -0.94 0.80
C GLY A 446 2.64 0.57 0.75
N LYS A 447 2.66 1.22 1.91
CA LYS A 447 2.73 2.69 1.96
C LYS A 447 4.01 3.28 2.56
N ARG A 448 4.61 2.65 3.58
CA ARG A 448 5.61 3.32 4.40
C ARG A 448 6.83 3.78 3.65
N TRP A 449 7.38 2.96 2.75
CA TRP A 449 8.53 3.38 1.97
C TRP A 449 8.20 4.55 1.05
N TYR A 450 7.07 4.49 0.38
CA TYR A 450 6.67 5.59 -0.48
C TYR A 450 6.42 6.86 0.34
N ASP A 451 5.91 6.74 1.58
CA ASP A 451 5.69 7.92 2.43
C ASP A 451 6.99 8.65 2.70
N ILE A 452 8.02 7.92 3.14
CA ILE A 452 9.27 8.54 3.49
C ILE A 452 10.00 9.04 2.27
N ARG A 453 9.93 8.29 1.16
CA ARG A 453 10.50 8.72 -0.10
C ARG A 453 9.88 10.05 -0.57
N LEU A 454 8.57 10.18 -0.45
CA LEU A 454 7.91 11.45 -0.84
C LEU A 454 8.51 12.63 -0.12
N LEU A 455 8.67 12.51 1.19
CA LEU A 455 9.15 13.64 1.99
C LEU A 455 10.61 13.92 1.87
N GLY A 456 11.41 12.93 1.47
CA GLY A 456 12.76 13.16 1.04
C GLY A 456 13.82 12.48 1.90
N TRP A 457 15.08 12.73 1.55
CA TRP A 457 16.20 12.00 2.14
C TRP A 457 16.20 12.11 3.67
N ASP A 458 15.93 13.27 4.25
CA ASP A 458 15.99 13.37 5.70
C ASP A 458 15.10 12.35 6.39
N TYR A 459 13.91 12.11 5.79
CA TYR A 459 12.98 11.15 6.34
C TYR A 459 13.34 9.70 5.96
N VAL A 460 13.74 9.47 4.72
CA VAL A 460 14.28 8.17 4.32
C VAL A 460 15.38 7.74 5.29
N HIS A 461 16.28 8.64 5.64
CA HIS A 461 17.42 8.29 6.46
C HIS A 461 17.02 8.02 7.90
N GLN A 462 16.02 8.73 8.40
CA GLN A 462 15.52 8.44 9.74
C GLN A 462 14.90 7.07 9.83
N TYR A 463 14.17 6.67 8.77
CA TYR A 463 13.24 5.56 8.84
C TYR A 463 13.58 4.41 7.88
N SER A 464 14.83 4.31 7.50
CA SER A 464 15.33 3.20 6.73
C SER A 464 16.83 3.17 6.76
N SER A 465 17.39 2.07 6.26
CA SER A 465 18.84 1.90 6.06
C SER A 465 19.27 2.19 4.62
N ALA A 466 18.41 2.83 3.83
CA ALA A 466 18.77 3.13 2.45
C ALA A 466 19.94 4.10 2.36
N GLU A 467 20.65 4.01 1.26
CA GLU A 467 21.70 4.95 0.93
C GLU A 467 21.18 5.95 -0.07
N GLN A 468 21.61 7.20 0.06
CA GLN A 468 21.04 8.28 -0.71
C GLN A 468 21.28 8.13 -2.22
N SER A 469 22.36 7.48 -2.60
CA SER A 469 22.65 7.20 -4.01
C SER A 469 21.89 5.99 -4.58
N ARG A 470 21.17 5.27 -3.73
CA ARG A 470 20.47 4.06 -4.09
C ARG A 470 19.03 4.09 -3.55
N LEU A 471 18.32 5.19 -3.78
CA LEU A 471 16.91 5.26 -3.42
C LEU A 471 16.00 4.57 -4.45
N LEU A 472 16.46 4.49 -5.69
CA LEU A 472 15.75 3.73 -6.74
C LEU A 472 16.12 2.23 -6.57
N TRP A 473 15.66 1.42 -7.53
CA TRP A 473 15.92 0.01 -7.58
C TRP A 473 16.83 -0.30 -8.75
N PRO A 474 17.68 -1.32 -8.61
CA PRO A 474 18.53 -1.73 -9.72
C PRO A 474 17.75 -2.47 -10.80
N ILE A 475 18.37 -2.64 -11.94
CA ILE A 475 17.85 -3.41 -13.06
C ILE A 475 18.66 -4.70 -13.22
N ASP A 476 17.97 -5.83 -13.32
CA ASP A 476 18.66 -7.14 -13.44
C ASP A 476 19.31 -7.30 -14.80
N ALA A 477 20.31 -8.17 -14.82
CA ALA A 477 21.02 -8.47 -16.06
C ALA A 477 20.17 -9.06 -17.17
N GLY A 478 19.19 -9.88 -16.83
CA GLY A 478 18.30 -10.43 -17.84
C GLY A 478 17.57 -9.32 -18.58
N THR A 479 17.12 -8.29 -17.86
CA THR A 479 16.44 -7.16 -18.46
C THR A 479 17.43 -6.29 -19.24
N LEU A 480 18.60 -6.00 -18.67
CA LEU A 480 19.58 -5.17 -19.37
C LEU A 480 20.03 -5.80 -20.66
N THR A 481 20.31 -7.10 -20.66
CA THR A 481 20.85 -7.72 -21.88
C THR A 481 19.78 -7.97 -22.93
N ASN A 482 18.52 -7.82 -22.58
CA ASN A 482 17.42 -7.88 -23.57
C ASN A 482 17.26 -6.59 -24.34
N ASN A 483 17.74 -5.47 -23.79
CA ASN A 483 17.55 -4.17 -24.39
C ASN A 483 18.82 -3.38 -24.21
N SER A 484 19.69 -3.44 -25.23
CA SER A 484 20.99 -2.81 -25.15
C SER A 484 20.99 -1.29 -24.95
N ALA A 485 19.83 -0.64 -25.18
CA ALA A 485 19.74 0.79 -24.93
C ALA A 485 19.66 1.11 -23.43
N LEU A 486 19.35 0.14 -22.57
CA LEU A 486 19.17 0.40 -21.17
C LEU A 486 20.50 0.46 -20.47
N LYS A 487 20.61 1.39 -19.56
CA LYS A 487 21.73 1.48 -18.63
C LYS A 487 21.25 1.09 -17.22
N GLN A 488 22.18 0.62 -16.42
CA GLN A 488 21.92 0.39 -15.02
C GLN A 488 21.40 1.67 -14.34
N THR A 489 20.53 1.47 -13.37
CA THR A 489 20.10 2.57 -12.53
C THR A 489 21.28 3.31 -11.93
N PRO A 490 21.30 4.65 -12.05
CA PRO A 490 22.36 5.41 -11.39
C PRO A 490 22.49 5.07 -9.92
N GLY A 491 23.74 4.88 -9.48
CA GLY A 491 24.05 4.50 -8.16
C GLY A 491 24.33 3.03 -7.97
N TYR A 492 23.94 2.20 -8.94
CA TYR A 492 24.06 0.74 -8.86
C TYR A 492 25.04 0.16 -9.86
N GLU A 493 25.80 1.01 -10.53
CA GLU A 493 26.76 0.53 -11.52
C GLU A 493 27.80 -0.41 -10.91
#